data_5P8Y
#
_entry.id   5P8Y
#
_cell.length_a   49.755
_cell.length_b   54.142
_cell.length_c   81.164
_cell.angle_alpha   90.000
_cell.angle_beta   90.000
_cell.angle_gamma   90.000
#
_symmetry.space_group_name_H-M   'P 21 21 21'
#
loop_
_entity.id
_entity.type
_entity.pdbx_description
1 polymer 'Catechol O-methyltransferase'
2 non-polymer 'MAGNESIUM ION'
3 non-polymer 'CHLORIDE ION'
4 non-polymer 'SULFATE ION'
5 non-polymer '2-[N-CYCLOHEXYLAMINO]ETHANE SULFONIC ACID'
6 non-polymer (4S,5S)-1,2-DITHIANE-4,5-DIOL
7 non-polymer 5-(4-fluorophenyl)-2,3-dihydroxy-N-[3-(pyrrolo[3,2-c]pyridin-1-ylmethoxy)propyl]benzamide
8 water water
#
_entity_poly.entity_id   1
_entity_poly.type   'polypeptide(L)'
_entity_poly.pdbx_seq_one_letter_code
;MGDTKEQRILRYVQQNAKPGDPQSVLEAIDTYCTQKEWAMNVGDAKGQIMDAVIREYSPSLVLELGAYCGYSAVRMARLL
QPGARLLTMEINPDCAAITQQMLNFAGLQDKVTILNGASQDLIPQLKKKYDVDTLDMVFLDHWKDRYLPDTLLLEKCGLL
RKGTVLLADNVIVPGTPDFLAYVRGSSSFECTHYSSYLEYMKVVDGLEKAIYQGPSSPDKS
;
_entity_poly.pdbx_strand_id   A
#
loop_
_chem_comp.id
_chem_comp.type
_chem_comp.name
_chem_comp.formula
763 non-polymer 5-(4-fluorophenyl)-2,3-dihydroxy-N-[3-(pyrrolo[3,2-c]pyridin-1-ylmethoxy)propyl]benzamide 'C24 H22 F N3 O4'
CL non-polymer 'CHLORIDE ION' 'Cl -1'
D1D non-polymer (4S,5S)-1,2-DITHIANE-4,5-DIOL 'C4 H8 O2 S2'
MG non-polymer 'MAGNESIUM ION' 'Mg 2'
NHE non-polymer '2-[N-CYCLOHEXYLAMINO]ETHANE SULFONIC ACID' 'C8 H17 N O3 S'
SO4 non-polymer 'SULFATE ION' 'O4 S -2'
#
# COMPACT_ATOMS: atom_id res chain seq x y z
N ASP A 3 -6.02 24.90 5.50
CA ASP A 3 -6.07 23.46 5.25
C ASP A 3 -4.68 22.86 5.11
N THR A 4 -4.65 21.54 5.10
CA THR A 4 -3.42 20.75 4.94
C THR A 4 -3.17 20.38 3.48
N LYS A 5 -1.94 19.99 3.24
CA LYS A 5 -1.55 19.49 1.93
C LYS A 5 -2.45 18.33 1.49
N GLU A 6 -2.78 17.44 2.42
CA GLU A 6 -3.56 16.27 2.09
C GLU A 6 -4.96 16.71 1.67
N GLN A 7 -5.53 17.71 2.33
CA GLN A 7 -6.82 18.23 1.91
CA GLN A 7 -6.83 18.27 1.93
C GLN A 7 -6.73 18.89 0.55
N ARG A 8 -5.67 19.61 0.29
CA ARG A 8 -5.51 20.24 -1.03
C ARG A 8 -5.43 19.17 -2.10
N ILE A 9 -4.75 18.04 -1.83
CA ILE A 9 -4.62 16.98 -2.84
C ILE A 9 -6.03 16.42 -3.10
N LEU A 10 -6.82 16.15 -2.06
CA LEU A 10 -8.17 15.62 -2.24
C LEU A 10 -9.01 16.61 -3.05
N ARG A 11 -8.98 17.89 -2.66
CA ARG A 11 -9.80 18.86 -3.40
CA ARG A 11 -9.78 18.87 -3.42
C ARG A 11 -9.37 18.96 -4.86
N TYR A 12 -8.07 18.88 -5.14
CA TYR A 12 -7.60 18.87 -6.51
C TYR A 12 -8.17 17.71 -7.26
N VAL A 13 -8.16 16.50 -6.69
CA VAL A 13 -8.71 15.35 -7.36
C VAL A 13 -10.21 15.61 -7.64
N GLN A 14 -10.94 16.05 -6.63
CA GLN A 14 -12.39 16.29 -6.78
C GLN A 14 -12.67 17.25 -7.88
N GLN A 15 -11.76 18.16 -8.15
CA GLN A 15 -12.04 19.24 -9.14
C GLN A 15 -11.37 19.05 -10.47
N ASN A 16 -10.50 18.04 -10.56
CA ASN A 16 -9.71 17.75 -11.78
C ASN A 16 -9.74 16.32 -12.29
N ALA A 17 -10.44 15.42 -11.62
CA ALA A 17 -10.59 14.07 -12.06
C ALA A 17 -12.12 13.84 -12.30
N LYS A 18 -12.39 12.70 -12.91
CA LYS A 18 -13.75 12.31 -13.18
C LYS A 18 -14.27 11.32 -12.10
N PRO A 19 -15.39 11.59 -11.42
CA PRO A 19 -15.85 10.63 -10.45
C PRO A 19 -15.99 9.25 -11.05
N GLY A 20 -15.61 8.22 -10.29
CA GLY A 20 -15.76 6.87 -10.69
C GLY A 20 -14.66 6.38 -11.62
N ASP A 21 -13.64 7.19 -11.92
CA ASP A 21 -12.59 6.85 -12.90
C ASP A 21 -11.25 6.84 -12.13
N PRO A 22 -10.85 5.67 -11.63
CA PRO A 22 -9.58 5.59 -10.88
C PRO A 22 -8.37 6.10 -11.58
N GLN A 23 -8.23 5.83 -12.86
CA GLN A 23 -7.02 6.29 -13.58
C GLN A 23 -6.98 7.83 -13.58
N SER A 24 -8.12 8.54 -13.74
CA SER A 24 -8.14 10.02 -13.64
C SER A 24 -7.69 10.45 -12.24
N VAL A 25 -8.10 9.73 -11.22
CA VAL A 25 -7.72 10.08 -9.85
C VAL A 25 -6.19 9.97 -9.65
N LEU A 26 -5.59 8.91 -10.12
CA LEU A 26 -4.14 8.77 -10.03
C LEU A 26 -3.39 9.86 -10.80
N GLU A 27 -3.88 10.17 -11.99
CA GLU A 27 -3.28 11.20 -12.81
C GLU A 27 -3.39 12.52 -12.12
N ALA A 28 -4.51 12.83 -11.49
CA ALA A 28 -4.71 14.12 -10.87
C ALA A 28 -3.75 14.24 -9.67
N ILE A 29 -3.60 13.18 -8.89
CA ILE A 29 -2.70 13.22 -7.72
C ILE A 29 -1.29 13.43 -8.24
N ASP A 30 -0.88 12.71 -9.24
CA ASP A 30 0.48 12.79 -9.69
C ASP A 30 0.78 14.19 -10.31
N THR A 31 -0.18 14.75 -11.01
CA THR A 31 -0.03 16.11 -11.55
C THR A 31 0.10 17.13 -10.42
N TYR A 32 -0.75 17.03 -9.41
CA TYR A 32 -0.68 17.97 -8.30
C TYR A 32 0.67 17.88 -7.61
N CYS A 33 1.12 16.66 -7.38
CA CYS A 33 2.30 16.48 -6.55
C CYS A 33 3.58 16.76 -7.40
N THR A 34 3.51 16.76 -8.73
CA THR A 34 4.59 17.18 -9.60
C THR A 34 4.63 18.67 -9.74
N GLN A 35 3.49 19.29 -9.88
CA GLN A 35 3.43 20.70 -10.24
C GLN A 35 3.27 21.63 -9.07
N LYS A 36 2.71 21.19 -7.95
CA LYS A 36 2.34 22.05 -6.84
C LYS A 36 3.10 21.71 -5.58
N GLU A 37 2.88 20.54 -5.00
CA GLU A 37 3.46 20.22 -3.67
C GLU A 37 3.83 18.72 -3.71
N TRP A 38 5.08 18.39 -3.46
CA TRP A 38 5.48 17.02 -3.25
C TRP A 38 4.71 16.38 -2.12
N ALA A 39 4.38 15.11 -2.26
CA ALA A 39 3.83 14.35 -1.19
C ALA A 39 4.24 12.88 -1.35
N MET A 40 4.17 12.19 -0.23
CA MET A 40 4.70 10.80 -0.13
C MET A 40 3.80 9.72 -0.69
N ASN A 41 3.18 9.97 -1.83
CA ASN A 41 2.40 8.93 -2.50
C ASN A 41 3.44 8.03 -3.18
N VAL A 42 3.05 6.80 -3.51
CA VAL A 42 4.04 5.93 -4.16
C VAL A 42 4.48 6.48 -5.51
N GLY A 43 3.58 7.17 -6.22
CA GLY A 43 3.88 7.84 -7.45
C GLY A 43 3.80 6.89 -8.64
N ASP A 44 3.85 7.45 -9.82
CA ASP A 44 3.67 6.68 -11.02
C ASP A 44 4.84 5.77 -11.42
N ALA A 45 6.08 6.11 -11.16
CA ALA A 45 7.23 5.24 -11.50
C ALA A 45 7.15 3.92 -10.73
N LYS A 46 7.06 3.97 -9.43
CA LYS A 46 6.95 2.80 -8.61
C LYS A 46 5.55 2.22 -8.77
N GLY A 47 4.53 3.08 -9.02
CA GLY A 47 3.20 2.54 -9.26
C GLY A 47 3.10 1.61 -10.42
N GLN A 48 3.86 1.91 -11.46
CA GLN A 48 3.78 0.99 -12.62
C GLN A 48 4.39 -0.38 -12.30
N ILE A 49 5.38 -0.43 -11.41
CA ILE A 49 5.92 -1.74 -10.95
C ILE A 49 4.91 -2.43 -10.10
N MET A 50 4.24 -1.71 -9.16
CA MET A 50 3.14 -2.29 -8.39
CA MET A 50 3.13 -2.24 -8.39
C MET A 50 2.08 -2.85 -9.30
N ASP A 51 1.68 -2.11 -10.32
CA ASP A 51 0.65 -2.64 -11.24
C ASP A 51 1.08 -3.99 -11.87
N ALA A 52 2.32 -4.05 -12.29
CA ALA A 52 2.78 -5.29 -12.92
C ALA A 52 2.76 -6.43 -11.89
N VAL A 53 3.08 -6.20 -10.65
CA VAL A 53 3.05 -7.22 -9.63
C VAL A 53 1.61 -7.60 -9.35
N ILE A 54 0.68 -6.68 -9.18
CA ILE A 54 -0.68 -6.98 -8.91
C ILE A 54 -1.25 -7.82 -10.05
N ARG A 55 -0.97 -7.46 -11.28
CA ARG A 55 -1.49 -8.22 -12.41
CA ARG A 55 -1.48 -8.22 -12.42
C ARG A 55 -0.89 -9.61 -12.47
N GLU A 56 0.35 -9.79 -12.08
CA GLU A 56 0.93 -11.15 -12.11
C GLU A 56 0.22 -12.06 -11.11
N TYR A 57 -0.11 -11.58 -9.93
CA TYR A 57 -0.63 -12.42 -8.84
C TYR A 57 -2.13 -12.42 -8.63
N SER A 58 -2.81 -11.44 -9.22
CA SER A 58 -4.25 -11.29 -9.06
CA SER A 58 -4.25 -11.31 -9.07
C SER A 58 -4.73 -11.67 -7.65
N PRO A 59 -4.19 -10.97 -6.63
CA PRO A 59 -4.53 -11.33 -5.25
C PRO A 59 -5.98 -11.11 -4.92
N SER A 60 -6.55 -12.03 -4.15
CA SER A 60 -7.92 -11.90 -3.67
C SER A 60 -8.07 -11.06 -2.44
N LEU A 61 -7.04 -11.05 -1.59
CA LEU A 61 -7.04 -10.32 -0.31
C LEU A 61 -5.68 -9.70 -0.14
N VAL A 62 -5.69 -8.37 -0.12
CA VAL A 62 -4.49 -7.56 0.05
C VAL A 62 -4.59 -6.78 1.34
N LEU A 63 -3.51 -6.72 2.08
CA LEU A 63 -3.33 -5.82 3.23
C LEU A 63 -2.34 -4.75 2.88
N GLU A 64 -2.68 -3.49 3.05
CA GLU A 64 -1.79 -2.35 2.91
C GLU A 64 -1.54 -1.77 4.29
N LEU A 65 -0.28 -1.49 4.56
CA LEU A 65 0.12 -0.81 5.83
C LEU A 65 0.56 0.54 5.39
N GLY A 66 -0.27 1.55 5.70
CA GLY A 66 0.02 2.92 5.32
C GLY A 66 -0.81 3.28 4.14
N ALA A 67 -1.90 3.97 4.34
CA ALA A 67 -2.76 4.42 3.24
C ALA A 67 -2.34 5.81 2.73
N TYR A 68 -2.04 6.74 3.66
CA TYR A 68 -1.78 8.14 3.38
C TYR A 68 -3.01 8.84 2.79
N CYS A 69 -3.02 9.16 1.52
CA CYS A 69 -4.16 9.82 0.90
C CYS A 69 -4.95 8.85 0.03
N GLY A 70 -4.54 7.60 -0.03
CA GLY A 70 -5.24 6.56 -0.79
C GLY A 70 -4.69 6.36 -2.18
N TYR A 71 -3.55 6.94 -2.58
CA TYR A 71 -3.05 6.75 -3.93
C TYR A 71 -2.77 5.31 -4.20
N SER A 72 -1.99 4.65 -3.37
CA SER A 72 -1.70 3.21 -3.57
CA SER A 72 -1.73 3.20 -3.59
C SER A 72 -2.94 2.33 -3.45
N ALA A 73 -3.86 2.70 -2.60
CA ALA A 73 -5.14 1.95 -2.46
C ALA A 73 -5.96 2.04 -3.75
N VAL A 74 -6.00 3.22 -4.37
CA VAL A 74 -6.71 3.37 -5.67
C VAL A 74 -5.95 2.55 -6.67
N ARG A 75 -4.61 2.65 -6.71
CA ARG A 75 -3.82 1.97 -7.72
C ARG A 75 -4.07 0.46 -7.63
N MET A 76 -4.04 -0.13 -6.43
CA MET A 76 -4.21 -1.59 -6.33
C MET A 76 -5.66 -1.96 -6.52
N ALA A 77 -6.60 -1.27 -5.87
CA ALA A 77 -8.02 -1.68 -5.94
C ALA A 77 -8.55 -1.61 -7.32
N ARG A 78 -8.07 -0.68 -8.13
CA ARG A 78 -8.59 -0.60 -9.54
C ARG A 78 -8.25 -1.85 -10.37
N LEU A 79 -7.25 -2.63 -9.96
CA LEU A 79 -6.77 -3.82 -10.70
C LEU A 79 -7.28 -5.11 -10.07
N LEU A 80 -7.96 -5.04 -8.95
CA LEU A 80 -8.49 -6.24 -8.27
C LEU A 80 -9.63 -6.81 -9.12
N GLN A 81 -9.75 -8.14 -9.07
CA GLN A 81 -10.84 -8.84 -9.72
C GLN A 81 -12.12 -8.64 -8.96
N PRO A 82 -13.28 -8.88 -9.62
CA PRO A 82 -14.50 -8.73 -8.89
C PRO A 82 -14.56 -9.61 -7.65
N GLY A 83 -14.97 -9.02 -6.56
CA GLY A 83 -15.06 -9.67 -5.27
C GLY A 83 -13.79 -9.67 -4.40
N ALA A 84 -12.66 -9.30 -4.98
CA ALA A 84 -11.35 -9.23 -4.26
C ALA A 84 -11.42 -7.99 -3.40
N ARG A 85 -10.63 -8.00 -2.36
CA ARG A 85 -10.68 -6.98 -1.33
C ARG A 85 -9.29 -6.47 -0.92
N LEU A 86 -9.25 -5.19 -0.54
CA LEU A 86 -8.11 -4.53 0.07
C LEU A 86 -8.48 -4.06 1.42
N LEU A 87 -7.69 -4.37 2.42
CA LEU A 87 -7.75 -3.78 3.75
C LEU A 87 -6.55 -2.84 3.84
N THR A 88 -6.75 -1.62 4.27
CA THR A 88 -5.66 -0.65 4.35
C THR A 88 -5.66 -0.01 5.71
N MET A 89 -4.54 -0.06 6.40
CA MET A 89 -4.37 0.42 7.80
CA MET A 89 -4.41 0.42 7.77
C MET A 89 -3.74 1.83 7.72
N GLU A 90 -4.36 2.75 8.49
CA GLU A 90 -3.87 4.11 8.53
C GLU A 90 -3.95 4.63 9.95
N ILE A 91 -2.83 5.03 10.53
CA ILE A 91 -2.78 5.42 11.93
C ILE A 91 -3.27 6.87 12.08
N ASN A 92 -3.16 7.69 11.08
CA ASN A 92 -3.51 9.10 11.21
C ASN A 92 -4.99 9.31 10.82
N PRO A 93 -5.84 9.73 11.74
CA PRO A 93 -7.27 9.77 11.43
C PRO A 93 -7.62 10.76 10.35
N ASP A 94 -6.91 11.88 10.24
CA ASP A 94 -7.14 12.81 9.15
C ASP A 94 -6.86 12.19 7.80
N CYS A 95 -5.78 11.44 7.74
CA CYS A 95 -5.42 10.74 6.47
C CYS A 95 -6.37 9.60 6.22
N ALA A 96 -6.86 8.88 7.25
CA ALA A 96 -7.87 7.87 7.05
C ALA A 96 -9.10 8.49 6.37
N ALA A 97 -9.54 9.63 6.86
CA ALA A 97 -10.70 10.31 6.30
C ALA A 97 -10.42 10.77 4.88
N ILE A 98 -9.23 11.31 4.56
CA ILE A 98 -8.92 11.64 3.17
CA ILE A 98 -8.83 11.66 3.17
C ILE A 98 -8.93 10.41 2.29
N THR A 99 -8.34 9.32 2.79
CA THR A 99 -8.28 8.07 2.00
C THR A 99 -9.71 7.59 1.73
N GLN A 100 -10.57 7.59 2.72
CA GLN A 100 -11.96 7.13 2.46
C GLN A 100 -12.59 7.97 1.43
N GLN A 101 -12.44 9.27 1.52
CA GLN A 101 -13.03 10.17 0.51
C GLN A 101 -12.45 10.00 -0.89
N MET A 102 -11.16 9.66 -0.95
CA MET A 102 -10.47 9.44 -2.23
C MET A 102 -11.02 8.18 -2.89
N LEU A 103 -11.21 7.16 -2.11
CA LEU A 103 -11.78 5.91 -2.58
C LEU A 103 -13.21 6.06 -2.97
N ASN A 104 -13.97 6.82 -2.23
CA ASN A 104 -15.35 7.14 -2.63
C ASN A 104 -15.39 7.81 -3.95
N PHE A 105 -14.57 8.82 -4.13
CA PHE A 105 -14.54 9.55 -5.34
C PHE A 105 -14.19 8.67 -6.50
N ALA A 106 -13.23 7.78 -6.35
CA ALA A 106 -12.80 6.90 -7.41
C ALA A 106 -13.83 5.79 -7.67
N GLY A 107 -14.83 5.60 -6.83
CA GLY A 107 -15.81 4.53 -6.99
C GLY A 107 -15.35 3.18 -6.56
N LEU A 108 -14.34 3.14 -5.68
CA LEU A 108 -13.71 1.88 -5.24
C LEU A 108 -14.07 1.48 -3.82
N GLN A 109 -14.99 2.18 -3.20
CA GLN A 109 -15.25 2.01 -1.78
C GLN A 109 -15.81 0.64 -1.43
N ASP A 110 -16.38 -0.07 -2.38
CA ASP A 110 -16.93 -1.41 -2.04
C ASP A 110 -15.79 -2.46 -2.05
N LYS A 111 -14.63 -2.12 -2.57
CA LYS A 111 -13.47 -3.04 -2.61
C LYS A 111 -12.55 -2.87 -1.43
N VAL A 112 -12.62 -1.77 -0.73
CA VAL A 112 -11.60 -1.39 0.24
C VAL A 112 -12.18 -1.11 1.57
N THR A 113 -11.53 -1.53 2.65
CA THR A 113 -11.94 -1.18 4.01
C THR A 113 -10.73 -0.47 4.63
N ILE A 114 -10.94 0.79 4.99
N ILE A 114 -10.97 0.64 5.30
CA ILE A 114 -9.91 1.65 5.51
CA ILE A 114 -9.96 1.26 6.15
C ILE A 114 -9.95 1.54 6.99
C ILE A 114 -10.05 0.74 7.59
N LEU A 115 -8.90 1.03 7.57
N LEU A 115 -8.90 0.36 8.14
CA LEU A 115 -8.81 0.83 8.99
CA LEU A 115 -8.71 -0.06 9.51
C LEU A 115 -7.95 1.95 9.56
C LEU A 115 -7.92 1.02 10.24
N ASN A 116 -8.47 2.56 10.63
N ASN A 116 -8.54 1.59 11.26
CA ASN A 116 -7.78 3.61 11.38
CA ASN A 116 -8.03 2.78 11.90
C ASN A 116 -7.23 3.10 12.74
C ASN A 116 -7.20 2.41 13.00
N GLY A 117 -5.92 2.76 12.85
CA GLY A 117 -5.14 2.38 14.01
C GLY A 117 -3.70 2.04 13.61
N ALA A 118 -2.97 1.63 14.64
CA ALA A 118 -1.57 1.18 14.51
C ALA A 118 -1.51 -0.24 14.08
N SER A 119 -0.56 -0.55 13.21
CA SER A 119 -0.35 -1.95 12.74
C SER A 119 -0.12 -2.94 13.86
N GLN A 120 0.57 -2.53 14.93
CA GLN A 120 0.83 -3.53 15.95
C GLN A 120 -0.38 -3.88 16.79
N ASP A 121 -1.34 -2.99 16.78
CA ASP A 121 -2.61 -3.22 17.45
C ASP A 121 -3.56 -3.95 16.55
N LEU A 122 -3.60 -3.55 15.28
CA LEU A 122 -4.62 -4.10 14.37
C LEU A 122 -4.28 -5.45 13.72
N ILE A 123 -3.02 -5.68 13.44
CA ILE A 123 -2.67 -6.99 12.84
C ILE A 123 -3.20 -8.19 13.70
N PRO A 124 -3.01 -8.18 15.02
CA PRO A 124 -3.55 -9.31 15.83
C PRO A 124 -5.06 -9.40 15.81
N GLN A 125 -5.79 -8.42 15.29
CA GLN A 125 -7.25 -8.47 15.25
C GLN A 125 -7.77 -8.90 13.91
N LEU A 126 -6.89 -9.02 12.90
CA LEU A 126 -7.36 -9.35 11.55
C LEU A 126 -8.18 -10.64 11.43
N LYS A 127 -7.71 -11.70 12.04
CA LYS A 127 -8.47 -12.97 11.91
C LYS A 127 -9.86 -12.87 12.50
N LYS A 128 -9.96 -12.52 13.75
CA LYS A 128 -11.28 -12.51 14.39
C LYS A 128 -12.13 -11.35 13.86
N LYS A 129 -11.63 -10.13 13.84
CA LYS A 129 -12.48 -8.97 13.52
C LYS A 129 -12.78 -8.70 12.02
N TYR A 130 -11.84 -9.01 11.15
CA TYR A 130 -11.99 -8.67 9.76
C TYR A 130 -12.09 -9.97 8.99
N ASP A 131 -12.23 -11.07 9.76
CA ASP A 131 -12.51 -12.41 9.23
CA ASP A 131 -12.54 -12.39 9.23
C ASP A 131 -11.50 -12.85 8.17
N VAL A 132 -10.23 -12.58 8.46
CA VAL A 132 -9.16 -12.94 7.57
C VAL A 132 -8.70 -14.33 7.93
N ASP A 133 -8.42 -15.14 6.91
CA ASP A 133 -7.72 -16.37 7.08
C ASP A 133 -6.22 -16.07 6.84
N THR A 134 -5.78 -16.09 5.58
CA THR A 134 -4.45 -15.70 5.23
C THR A 134 -4.50 -14.61 4.17
N LEU A 135 -3.42 -13.86 4.08
CA LEU A 135 -3.31 -12.77 3.13
C LEU A 135 -2.67 -13.26 1.84
N ASP A 136 -3.07 -12.78 0.70
CA ASP A 136 -2.41 -13.05 -0.58
C ASP A 136 -1.26 -12.14 -0.88
N MET A 137 -1.37 -10.91 -0.37
CA MET A 137 -0.37 -9.93 -0.63
CA MET A 137 -0.38 -9.92 -0.64
C MET A 137 -0.40 -8.89 0.46
N VAL A 138 0.77 -8.31 0.75
CA VAL A 138 0.91 -7.23 1.75
C VAL A 138 1.68 -6.12 1.08
N PHE A 139 1.23 -4.90 1.15
CA PHE A 139 1.98 -3.74 0.65
C PHE A 139 2.44 -2.98 1.90
N LEU A 140 3.73 -2.82 2.08
CA LEU A 140 4.32 -2.14 3.24
CA LEU A 140 4.33 -2.15 3.23
C LEU A 140 4.73 -0.75 2.83
N ASP A 141 4.12 0.24 3.49
CA ASP A 141 4.36 1.65 3.15
C ASP A 141 4.11 2.55 4.36
N HIS A 142 4.34 2.03 5.56
CA HIS A 142 4.10 2.77 6.83
C HIS A 142 5.47 3.15 7.38
N TRP A 143 5.61 3.21 8.73
CA TRP A 143 6.88 3.56 9.28
C TRP A 143 7.96 2.54 8.89
N LYS A 144 9.08 3.04 8.42
CA LYS A 144 10.08 2.17 7.82
C LYS A 144 10.71 1.21 8.83
N ASP A 145 10.77 1.67 10.09
CA ASP A 145 11.26 0.81 11.17
C ASP A 145 10.26 -0.16 11.61
N ARG A 146 9.05 -0.18 11.04
CA ARG A 146 8.07 -1.20 11.39
C ARG A 146 8.01 -2.30 10.35
N TYR A 147 8.67 -2.18 9.20
CA TYR A 147 8.58 -3.27 8.16
C TYR A 147 8.93 -4.62 8.71
N LEU A 148 10.08 -4.69 9.35
CA LEU A 148 10.52 -5.94 9.90
C LEU A 148 9.68 -6.41 11.06
N PRO A 149 9.44 -5.62 12.12
CA PRO A 149 8.61 -6.18 13.19
C PRO A 149 7.24 -6.60 12.73
N ASP A 150 6.63 -5.86 11.81
CA ASP A 150 5.28 -6.25 11.37
C ASP A 150 5.26 -7.48 10.47
N THR A 151 6.33 -7.71 9.68
CA THR A 151 6.50 -8.96 8.93
C THR A 151 6.53 -10.13 9.90
N LEU A 152 7.28 -9.99 10.97
CA LEU A 152 7.37 -11.06 11.96
C LEU A 152 6.06 -11.23 12.72
N LEU A 153 5.34 -10.16 12.99
CA LEU A 153 4.04 -10.23 13.66
C LEU A 153 2.98 -10.89 12.75
N LEU A 154 3.03 -10.57 11.46
CA LEU A 154 2.14 -11.23 10.51
C LEU A 154 2.33 -12.73 10.51
N GLU A 155 3.62 -13.13 10.51
CA GLU A 155 3.91 -14.57 10.59
C GLU A 155 3.43 -15.18 11.89
N LYS A 156 3.66 -14.52 13.00
CA LYS A 156 3.26 -15.01 14.34
C LYS A 156 1.74 -15.25 14.36
N CYS A 157 1.02 -14.30 13.78
CA CYS A 157 -0.44 -14.30 13.74
C CYS A 157 -1.03 -15.31 12.76
N GLY A 158 -0.21 -16.00 12.00
CA GLY A 158 -0.68 -16.99 11.05
C GLY A 158 -1.36 -16.39 9.83
N LEU A 159 -0.96 -15.20 9.46
CA LEU A 159 -1.57 -14.46 8.36
C LEU A 159 -0.87 -14.67 7.06
N LEU A 160 0.32 -15.26 7.08
CA LEU A 160 1.07 -15.58 5.83
C LEU A 160 0.84 -17.00 5.46
N ARG A 161 0.87 -17.26 4.20
CA ARG A 161 0.83 -18.64 3.64
C ARG A 161 1.91 -18.79 2.59
N LYS A 162 2.22 -20.03 2.18
CA LYS A 162 3.16 -20.25 1.11
C LYS A 162 2.69 -19.45 -0.13
N GLY A 163 3.57 -18.57 -0.59
CA GLY A 163 3.25 -17.75 -1.76
C GLY A 163 2.72 -16.35 -1.41
N THR A 164 2.48 -16.00 -0.15
CA THR A 164 2.08 -14.60 0.09
C THR A 164 3.16 -13.62 -0.35
N VAL A 165 2.75 -12.62 -1.09
CA VAL A 165 3.69 -11.69 -1.68
C VAL A 165 3.80 -10.42 -0.79
N LEU A 166 4.95 -10.15 -0.20
CA LEU A 166 5.19 -8.87 0.46
C LEU A 166 5.78 -7.94 -0.58
N LEU A 167 5.28 -6.74 -0.70
CA LEU A 167 5.85 -5.71 -1.61
C LEU A 167 6.08 -4.46 -0.76
N ALA A 168 7.28 -4.05 -0.69
CA ALA A 168 7.74 -3.01 0.25
C ALA A 168 8.22 -1.76 -0.46
N ASP A 169 7.59 -0.60 -0.18
CA ASP A 169 8.04 0.68 -0.72
C ASP A 169 9.21 1.21 0.07
N ASN A 170 9.99 2.07 -0.57
CA ASN A 170 10.99 2.86 0.15
C ASN A 170 12.12 2.07 0.73
N VAL A 171 12.49 0.94 0.15
CA VAL A 171 13.54 0.17 0.76
C VAL A 171 14.87 0.85 0.62
N ILE A 172 15.01 1.79 -0.29
CA ILE A 172 16.25 2.58 -0.45
C ILE A 172 16.15 3.93 0.24
N VAL A 173 15.08 4.70 -0.06
CA VAL A 173 14.84 6.03 0.57
C VAL A 173 13.39 6.07 1.02
N PRO A 174 13.14 6.29 2.34
CA PRO A 174 14.18 6.50 3.40
C PRO A 174 15.04 5.33 3.70
N GLY A 175 14.59 4.11 3.34
CA GLY A 175 15.37 2.93 3.58
C GLY A 175 14.81 2.10 4.68
N THR A 176 14.99 0.77 4.50
CA THR A 176 14.57 -0.18 5.52
CA THR A 176 14.53 -0.23 5.47
C THR A 176 15.63 -1.27 5.67
N PRO A 177 16.78 -0.90 6.19
CA PRO A 177 17.92 -1.78 6.12
C PRO A 177 17.77 -3.09 6.90
N ASP A 178 17.11 -3.06 8.08
CA ASP A 178 16.91 -4.25 8.82
C ASP A 178 15.97 -5.25 8.12
N PHE A 179 14.88 -4.71 7.57
CA PHE A 179 13.94 -5.53 6.77
C PHE A 179 14.66 -6.14 5.61
N LEU A 180 15.40 -5.36 4.81
CA LEU A 180 16.05 -5.95 3.67
C LEU A 180 17.01 -7.06 4.03
N ALA A 181 17.88 -6.79 5.00
CA ALA A 181 18.84 -7.79 5.40
C ALA A 181 18.18 -9.07 5.86
N TYR A 182 17.10 -8.93 6.60
CA TYR A 182 16.38 -10.07 7.11
C TYR A 182 15.76 -10.91 6.01
N VAL A 183 14.92 -10.30 5.16
CA VAL A 183 14.25 -11.12 4.18
C VAL A 183 15.26 -11.65 3.19
N ARG A 184 16.24 -10.89 2.81
CA ARG A 184 17.22 -11.39 1.81
C ARG A 184 18.03 -12.56 2.37
N GLY A 185 18.25 -12.59 3.65
CA GLY A 185 19.03 -13.64 4.34
C GLY A 185 18.25 -14.80 4.77
N SER A 186 16.93 -14.76 4.64
CA SER A 186 16.07 -15.76 5.22
C SER A 186 15.61 -16.81 4.23
N SER A 187 15.70 -18.10 4.54
CA SER A 187 15.22 -19.14 3.63
CA SER A 187 15.25 -19.09 3.58
C SER A 187 13.72 -19.12 3.53
N SER A 188 13.06 -18.39 4.39
CA SER A 188 11.62 -18.30 4.36
C SER A 188 11.08 -17.27 3.35
N PHE A 189 11.96 -16.53 2.69
CA PHE A 189 11.58 -15.55 1.68
C PHE A 189 12.33 -15.71 0.42
N GLU A 190 11.65 -15.48 -0.73
CA GLU A 190 12.30 -15.39 -1.99
C GLU A 190 12.21 -13.94 -2.43
N CYS A 191 13.30 -13.25 -2.58
CA CYS A 191 13.33 -11.80 -2.72
C CYS A 191 13.77 -11.30 -4.06
N THR A 192 13.18 -10.23 -4.55
CA THR A 192 13.54 -9.57 -5.80
C THR A 192 13.49 -8.09 -5.52
N HIS A 193 14.42 -7.30 -6.06
CA HIS A 193 14.49 -5.88 -5.93
C HIS A 193 14.15 -5.28 -7.29
N TYR A 194 13.26 -4.28 -7.25
CA TYR A 194 12.85 -3.50 -8.42
C TYR A 194 13.30 -2.09 -8.27
N SER A 195 14.38 -1.74 -8.92
CA SER A 195 14.95 -0.39 -8.79
C SER A 195 14.12 0.59 -9.51
N SER A 196 13.86 1.76 -8.87
CA SER A 196 13.04 2.79 -9.44
C SER A 196 13.52 4.14 -8.90
N TYR A 197 12.53 5.02 -8.71
CA TYR A 197 12.80 6.42 -8.28
C TYR A 197 11.82 6.75 -7.20
N LEU A 198 12.33 7.57 -6.29
CA LEU A 198 11.47 8.21 -5.30
C LEU A 198 10.37 8.95 -6.02
N GLU A 199 9.16 8.86 -5.51
CA GLU A 199 8.02 9.53 -6.10
C GLU A 199 8.37 11.00 -6.39
N TYR A 200 8.16 11.37 -7.65
CA TYR A 200 8.21 12.72 -8.16
C TYR A 200 9.58 13.32 -8.21
N MET A 201 10.62 12.50 -7.96
CA MET A 201 11.99 13.02 -7.79
CA MET A 201 11.98 13.03 -7.87
C MET A 201 12.96 12.17 -8.63
N LYS A 202 14.09 12.78 -9.00
CA LYS A 202 15.17 12.09 -9.64
C LYS A 202 16.14 11.64 -8.57
N VAL A 203 15.68 10.75 -7.73
CA VAL A 203 16.36 10.16 -6.62
C VAL A 203 16.08 8.67 -6.69
N VAL A 204 17.10 7.82 -6.63
CA VAL A 204 16.88 6.37 -6.72
C VAL A 204 16.12 5.86 -5.51
N ASP A 205 15.08 5.06 -5.71
CA ASP A 205 14.47 4.28 -4.64
C ASP A 205 14.20 2.90 -5.22
N GLY A 206 13.45 2.05 -4.54
CA GLY A 206 13.11 0.76 -5.08
C GLY A 206 12.05 0.11 -4.27
N LEU A 207 11.42 -0.92 -4.84
CA LEU A 207 10.51 -1.83 -4.18
C LEU A 207 11.21 -3.12 -3.94
N GLU A 208 10.95 -3.76 -2.82
CA GLU A 208 11.35 -5.17 -2.61
C GLU A 208 10.14 -6.06 -2.64
N LYS A 209 10.20 -7.13 -3.40
CA LYS A 209 9.21 -8.17 -3.32
C LYS A 209 9.82 -9.30 -2.53
N ALA A 210 9.14 -9.83 -1.54
CA ALA A 210 9.60 -10.93 -0.73
C ALA A 210 8.44 -11.89 -0.61
N ILE A 211 8.59 -13.03 -1.24
CA ILE A 211 7.54 -14.03 -1.29
C ILE A 211 7.77 -15.01 -0.16
N TYR A 212 6.80 -15.14 0.73
CA TYR A 212 6.91 -16.10 1.84
C TYR A 212 6.84 -17.51 1.34
N GLN A 213 7.76 -18.32 1.84
CA GLN A 213 7.86 -19.73 1.53
C GLN A 213 7.46 -20.67 2.63
N GLY A 214 6.86 -20.21 3.71
CA GLY A 214 6.39 -21.15 4.81
C GLY A 214 7.50 -21.08 5.84
N PRO A 215 7.38 -21.81 6.96
CA PRO A 215 8.51 -21.80 7.95
C PRO A 215 9.73 -22.70 7.62
MG MG B . 6.20 5.16 0.47
CL CL C . 0.44 6.08 -1.64
CL CL D . 6.85 9.33 -9.91
S SO4 E . -17.07 -6.15 -6.52
O1 SO4 E . -17.12 -4.65 -6.85
O2 SO4 E . -17.82 -6.62 -5.33
O3 SO4 E . -15.62 -6.49 -6.39
O4 SO4 E . -17.59 -7.01 -7.64
C3' NHE F . 12.20 17.17 -2.08
C2' NHE F . 11.73 18.42 -1.37
C1' NHE F . 10.31 18.22 -0.95
C6' NHE F . 10.29 17.03 0.05
N NHE F . 9.61 19.44 -0.55
C1 NHE F . 8.89 20.11 -1.61
C2 NHE F . 8.07 21.28 -1.12
S NHE F . 7.24 22.04 -2.37
O1 NHE F . 6.24 22.89 -1.71
O2 NHE F . 8.20 22.95 -2.94
O3 NHE F . 6.66 20.98 -3.27
C5' NHE F . 11.11 15.78 -0.38
C4' NHE F . 12.44 16.08 -1.06
S1 D1D G . 11.55 14.10 -1.18
C1 D1D G . 10.79 15.06 0.12
C2 D1D G . 10.26 16.42 -0.38
O2 D1D G . 9.67 17.18 0.71
C3 D1D G . 11.38 17.29 -0.96
O3 D1D G . 10.85 18.53 -1.36
C4 D1D G . 12.10 16.68 -2.17
S4 D1D G . 13.06 15.28 -1.76
C4 763 H . 8.42 8.83 3.48
C5 763 H . 7.44 7.85 3.56
C6 763 H . 7.05 7.18 2.43
C7 763 H . 10.07 10.24 2.19
C8 763 H . 11.14 10.16 1.28
C10 763 H . 10.01 11.32 3.08
C13 763 H . 10.96 12.34 2.99
C20 763 H . 4.17 7.44 6.64
C21 763 H . 3.72 7.27 8.09
C26 763 H . -0.19 3.60 8.75
C28 763 H . 1.49 3.72 10.34
C1 763 H . 7.62 7.60 1.20
C2 763 H . 8.63 8.56 1.08
C3 763 H . 9.03 9.18 2.29
C9 763 H . 12.14 11.11 1.20
F11 763 H . 12.94 13.16 2.00
C12 763 H . 11.98 12.18 2.08
O14 763 H . 7.17 6.96 0.03
O15 763 H . 6.10 6.18 2.36
C16 763 H . 6.87 7.54 4.86
N17 763 H . 5.83 6.70 4.97
O18 763 H . 7.31 8.11 5.90
C19 763 H . 5.21 6.39 6.28
O22 763 H . 3.08 6.01 8.23
C23 763 H . 2.52 5.85 9.55
N24 763 H . 1.63 4.76 9.47
C25 763 H . 0.60 4.68 8.48
C27 763 H . 0.33 2.95 9.95
C29 763 H . -0.01 1.86 10.75
N30 763 H . 0.74 1.59 11.88
C31 763 H . 1.82 2.35 12.15
C32 763 H . 2.26 3.50 11.50
C3' NHE I . 7.16 8.79 14.43
C2' NHE I . 8.03 8.05 13.40
C1' NHE I . 9.17 7.35 14.18
C6' NHE I . 8.64 6.33 15.20
N NHE I . 10.10 6.63 13.39
C1 NHE I . 9.67 6.17 12.09
C2 NHE I . 10.45 7.00 11.12
S NHE I . 10.58 6.01 9.80
O1 NHE I . 9.33 5.88 8.97
O2 NHE I . 11.46 6.77 8.89
O3 NHE I . 11.16 4.71 10.27
C5' NHE I . 7.75 7.03 16.26
C4' NHE I . 6.68 7.88 15.58
#